data_4RTT
#
_entry.id   4RTT
#
_cell.length_a   31.300
_cell.length_b   52.540
_cell.length_c   92.510
_cell.angle_alpha   90.00
_cell.angle_beta   90.00
_cell.angle_gamma   90.00
#
_symmetry.space_group_name_H-M   'P 21 21 21'
#
loop_
_entity.id
_entity.type
_entity.pdbx_description
1 polymer 'SLIT-ROBO Rho GTPase-activating protein 2'
2 non-polymer 'SULFATE ION'
3 water water
#
_entity_poly.entity_id   1
_entity_poly.type   'polypeptide(L)'
_entity_poly.pdbx_seq_one_letter_code
;GAMGSEPIEAIAKFDYVGRTARELSFKKGASLLLYQRASDDWWEGRHNGIDGLIPHQYIVVQDTEDGVVERSSPKSEIEV
ISEPPEEKVTAR
;
_entity_poly.pdbx_strand_id   A,B
#
loop_
_chem_comp.id
_chem_comp.type
_chem_comp.name
_chem_comp.formula
SO4 non-polymer 'SULFATE ION' 'O4 S -2'
#
# COMPACT_ATOMS: atom_id res chain seq x y z
N MET A 3 19.54 -10.61 -18.44
CA MET A 3 20.15 -11.98 -18.40
C MET A 3 20.11 -12.56 -16.98
N GLY A 4 19.99 -13.88 -16.95
CA GLY A 4 19.90 -14.61 -15.71
C GLY A 4 18.72 -14.21 -14.86
N SER A 5 18.92 -14.22 -13.55
CA SER A 5 17.83 -14.21 -12.58
C SER A 5 17.63 -12.85 -11.94
N GLU A 6 18.40 -11.84 -12.31
CA GLU A 6 18.29 -10.53 -11.63
C GLU A 6 16.95 -9.86 -11.76
N PRO A 7 16.62 -8.98 -10.80
CA PRO A 7 15.40 -8.19 -10.95
C PRO A 7 15.37 -7.42 -12.28
N ILE A 8 14.18 -7.21 -12.81
CA ILE A 8 13.98 -6.63 -14.13
C ILE A 8 13.83 -5.11 -14.02
N GLU A 9 14.58 -4.38 -14.87
CA GLU A 9 14.50 -2.92 -14.85
C GLU A 9 13.27 -2.48 -15.63
N ALA A 10 12.70 -1.38 -15.19
CA ALA A 10 11.61 -0.73 -15.89
C ALA A 10 11.73 0.77 -15.72
N ILE A 11 10.97 1.48 -16.54
CA ILE A 11 10.88 2.97 -16.43
C ILE A 11 9.43 3.37 -16.44
N ALA A 12 9.06 4.29 -15.54
CA ALA A 12 7.70 4.84 -15.55
C ALA A 12 7.44 5.70 -16.78
N LYS A 13 6.36 5.38 -17.51
CA LYS A 13 5.96 6.17 -18.65
C LYS A 13 4.87 7.17 -18.32
N PHE A 14 4.24 7.04 -17.15
CA PHE A 14 3.27 8.01 -16.64
C PHE A 14 3.47 8.16 -15.13
N ASP A 15 3.11 9.34 -14.60
CA ASP A 15 3.00 9.51 -13.16
C ASP A 15 1.94 8.54 -12.62
N TYR A 16 2.16 8.05 -11.41
CA TYR A 16 1.16 7.21 -10.72
C TYR A 16 1.14 7.53 -9.24
N VAL A 17 -0.04 7.78 -8.73
CA VAL A 17 -0.24 7.92 -7.31
C VAL A 17 -0.93 6.66 -6.79
N GLY A 18 -0.25 5.96 -5.89
CA GLY A 18 -0.78 4.73 -5.28
C GLY A 18 -2.13 4.92 -4.62
N ARG A 19 -3.06 3.99 -4.85
CA ARG A 19 -4.40 4.13 -4.37
C ARG A 19 -4.58 3.46 -3.01
N THR A 20 -3.73 2.49 -2.67
CA THR A 20 -3.70 1.85 -1.36
C THR A 20 -2.30 1.91 -0.77
N ALA A 21 -2.17 1.49 0.48
CA ALA A 21 -0.91 1.58 1.22
C ALA A 21 0.13 0.59 0.71
N ARG A 22 -0.29 -0.33 -0.15
CA ARG A 22 0.61 -1.37 -0.71
C ARG A 22 1.31 -0.92 -1.98
N GLU A 23 0.85 0.20 -2.56
CA GLU A 23 1.28 0.65 -3.87
C GLU A 23 2.31 1.76 -3.82
N LEU A 24 3.29 1.67 -4.70
CA LEU A 24 4.32 2.71 -4.88
C LEU A 24 3.66 3.89 -5.62
N SER A 25 4.16 5.08 -5.33
CA SER A 25 3.85 6.26 -6.14
C SER A 25 5.15 6.74 -6.80
N PHE A 26 5.05 7.17 -8.04
CA PHE A 26 6.21 7.56 -8.84
C PHE A 26 5.81 8.50 -9.94
N LYS A 27 6.82 9.15 -10.50
CA LYS A 27 6.66 10.12 -11.56
C LYS A 27 7.13 9.50 -12.87
N LYS A 28 6.52 9.93 -13.96
CA LYS A 28 7.03 9.63 -15.28
C LYS A 28 8.56 9.76 -15.30
N GLY A 29 9.23 8.73 -15.83
CA GLY A 29 10.69 8.72 -15.95
C GLY A 29 11.45 8.09 -14.81
N ALA A 30 10.72 7.73 -13.73
CA ALA A 30 11.25 6.97 -12.61
C ALA A 30 11.85 5.64 -13.02
N SER A 31 12.99 5.36 -12.44
CA SER A 31 13.66 4.09 -12.58
C SER A 31 13.02 3.15 -11.57
N LEU A 32 12.58 1.98 -12.03
CA LEU A 32 11.85 1.03 -11.18
C LEU A 32 12.53 -0.31 -11.29
N LEU A 33 12.50 -1.06 -10.21
CA LEU A 33 13.05 -2.41 -10.18
C LEU A 33 11.89 -3.39 -9.92
N LEU A 34 11.81 -4.47 -10.69
CA LEU A 34 10.67 -5.38 -10.63
C LEU A 34 11.20 -6.73 -10.18
N TYR A 35 10.66 -7.19 -9.04
CA TYR A 35 11.03 -8.47 -8.47
C TYR A 35 10.21 -9.62 -9.10
N GLN A 36 8.90 -9.43 -9.18
CA GLN A 36 7.97 -10.54 -9.48
C GLN A 36 6.64 -10.06 -9.96
N ARG A 37 6.20 -10.58 -11.11
CA ARG A 37 4.88 -10.28 -11.63
C ARG A 37 3.89 -10.85 -10.66
N ALA A 38 2.90 -10.07 -10.24
CA ALA A 38 1.92 -10.56 -9.31
C ALA A 38 0.65 -11.05 -10.06
N SER A 39 0.27 -10.29 -11.07
CA SER A 39 -0.85 -10.62 -11.93
C SER A 39 -0.60 -9.86 -13.23
N ASP A 40 -1.53 -9.96 -14.18
CA ASP A 40 -1.44 -9.21 -15.46
C ASP A 40 -1.17 -7.72 -15.24
N ASP A 41 -1.84 -7.14 -14.24
CA ASP A 41 -1.89 -5.69 -14.09
C ASP A 41 -0.88 -5.16 -13.08
N TRP A 42 -0.16 -6.05 -12.39
CA TRP A 42 0.64 -5.70 -11.22
C TRP A 42 1.96 -6.44 -11.08
N TRP A 43 2.96 -5.69 -10.61
CA TRP A 43 4.26 -6.21 -10.23
C TRP A 43 4.57 -5.89 -8.78
N GLU A 44 5.32 -6.77 -8.15
CA GLU A 44 6.01 -6.49 -6.92
C GLU A 44 7.36 -5.88 -7.33
N GLY A 45 7.67 -4.66 -6.88
CA GLY A 45 8.93 -4.03 -7.19
C GLY A 45 9.46 -3.13 -6.10
N ARG A 46 10.26 -2.17 -6.53
CA ARG A 46 10.92 -1.24 -5.63
C ARG A 46 11.17 0.09 -6.35
N HIS A 47 10.97 1.18 -5.60
CA HIS A 47 11.24 2.52 -6.10
C HIS A 47 11.92 3.29 -5.00
N ASN A 48 13.13 3.76 -5.24
CA ASN A 48 13.83 4.62 -4.29
C ASN A 48 13.87 3.99 -2.89
N GLY A 49 14.25 2.71 -2.86
CA GLY A 49 14.44 2.01 -1.62
C GLY A 49 13.16 1.51 -0.97
N ILE A 50 12.01 1.73 -1.58
CA ILE A 50 10.77 1.33 -0.97
C ILE A 50 10.19 0.19 -1.83
N ASP A 51 9.90 -0.96 -1.19
CA ASP A 51 9.23 -2.09 -1.83
C ASP A 51 7.74 -1.86 -1.89
N GLY A 52 7.13 -2.12 -3.02
CA GLY A 52 5.70 -2.05 -3.12
C GLY A 52 5.18 -2.51 -4.46
N LEU A 53 3.89 -2.36 -4.69
CA LEU A 53 3.26 -2.75 -5.94
C LEU A 53 3.28 -1.65 -7.03
N ILE A 54 3.43 -2.09 -8.28
CA ILE A 54 3.61 -1.22 -9.43
C ILE A 54 2.65 -1.72 -10.51
N PRO A 55 1.77 -0.81 -10.97
CA PRO A 55 0.84 -1.14 -12.03
C PRO A 55 1.54 -1.24 -13.40
N HIS A 56 1.36 -2.39 -14.05
CA HIS A 56 1.94 -2.70 -15.35
C HIS A 56 1.67 -1.64 -16.43
N GLN A 57 0.46 -1.11 -16.46
CA GLN A 57 0.05 -0.13 -17.46
C GLN A 57 0.77 1.21 -17.40
N TYR A 58 1.50 1.46 -16.31
CA TYR A 58 2.21 2.75 -16.11
C TYR A 58 3.70 2.71 -16.38
N ILE A 59 4.22 1.56 -16.81
CA ILE A 59 5.65 1.36 -16.97
C ILE A 59 5.98 0.74 -18.32
N VAL A 60 7.25 0.84 -18.68
CA VAL A 60 7.82 0.05 -19.78
C VAL A 60 8.87 -0.85 -19.19
N VAL A 61 8.80 -2.13 -19.49
CA VAL A 61 9.68 -3.10 -18.92
C VAL A 61 10.79 -3.46 -19.89
N GLN A 62 11.99 -3.59 -19.36
CA GLN A 62 13.10 -4.00 -20.20
C GLN A 62 13.13 -5.53 -20.45
N ASP A 63 13.01 -5.99 -21.70
CA ASP A 63 13.10 -7.45 -22.03
C ASP A 63 14.26 -7.79 -22.92
N VAL A 68 14.31 -13.02 -16.35
CA VAL A 68 13.71 -14.29 -16.70
C VAL A 68 12.17 -14.24 -16.72
N VAL A 69 11.63 -15.26 -17.38
CA VAL A 69 10.19 -15.57 -17.42
C VAL A 69 9.72 -15.90 -16.02
N GLU A 70 10.60 -16.54 -15.23
CA GLU A 70 10.38 -16.78 -13.80
C GLU A 70 9.78 -15.55 -13.08
N ARG A 71 10.44 -14.40 -13.23
CA ARG A 71 9.97 -13.16 -12.57
C ARG A 71 8.84 -12.47 -13.31
N SER A 72 8.74 -12.65 -14.63
CA SER A 72 7.80 -11.89 -15.43
C SER A 72 6.43 -12.53 -15.58
N SER A 73 6.33 -13.79 -15.14
CA SER A 73 5.08 -14.53 -14.98
C SER A 73 4.69 -14.67 -13.49
N PRO A 74 3.38 -14.58 -13.19
CA PRO A 74 2.97 -14.76 -11.78
C PRO A 74 3.36 -16.13 -11.29
N LYS A 75 3.67 -16.23 -10.00
CA LYS A 75 3.92 -17.58 -9.42
C LYS A 75 2.69 -18.46 -9.60
N SER A 76 2.89 -19.69 -10.02
CA SER A 76 1.77 -20.63 -10.22
C SER A 76 1.24 -21.24 -8.89
N GLU A 77 -0.01 -21.75 -8.89
CA GLU A 77 -0.51 -22.44 -7.71
C GLU A 77 0.39 -23.63 -7.38
N ILE A 78 0.69 -24.44 -8.39
CA ILE A 78 1.43 -25.66 -8.11
C ILE A 78 2.79 -25.34 -7.49
N GLU A 79 3.45 -24.28 -7.94
CA GLU A 79 4.68 -23.79 -7.29
C GLU A 79 4.46 -23.49 -5.79
N VAL A 80 3.46 -22.68 -5.51
CA VAL A 80 3.18 -22.23 -4.15
C VAL A 80 2.80 -23.36 -3.21
N ILE A 81 1.97 -24.28 -3.68
CA ILE A 81 1.50 -25.34 -2.81
C ILE A 81 2.53 -26.46 -2.60
N SER A 82 3.64 -26.41 -3.34
CA SER A 82 4.67 -27.44 -3.29
C SER A 82 5.55 -27.28 -2.06
N GLU A 83 5.43 -26.16 -1.35
CA GLU A 83 6.12 -25.96 -0.09
C GLU A 83 5.14 -25.57 1.01
N PRO A 84 5.47 -25.87 2.28
CA PRO A 84 4.54 -25.54 3.38
C PRO A 84 4.39 -24.03 3.57
N PRO A 85 3.33 -23.63 4.28
CA PRO A 85 3.23 -22.23 4.73
C PRO A 85 4.17 -21.96 5.94
N GLU A 86 4.78 -20.79 6.08
CA GLU A 86 5.02 -19.80 5.03
C GLU A 86 5.88 -18.68 5.59
N SER B 5 -19.78 -1.20 5.48
CA SER B 5 -19.06 -0.84 6.75
C SER B 5 -18.58 0.61 6.79
N GLU B 6 -19.27 1.45 7.53
CA GLU B 6 -18.86 2.83 7.68
C GLU B 6 -17.41 2.98 8.21
N PRO B 7 -16.77 4.11 7.89
CA PRO B 7 -15.55 4.47 8.61
C PRO B 7 -15.66 4.37 10.17
N ILE B 8 -14.54 4.05 10.80
CA ILE B 8 -14.50 3.73 12.23
C ILE B 8 -14.18 4.98 13.05
N GLU B 9 -14.93 5.22 14.11
CA GLU B 9 -14.71 6.37 14.98
C GLU B 9 -13.55 6.08 15.94
N ALA B 10 -12.77 7.09 16.23
CA ALA B 10 -11.68 6.97 17.19
C ALA B 10 -11.53 8.29 17.93
N ILE B 11 -10.82 8.23 19.03
CA ILE B 11 -10.53 9.44 19.84
C ILE B 11 -9.04 9.46 20.13
N ALA B 12 -8.42 10.62 20.02
CA ALA B 12 -7.02 10.78 20.37
C ALA B 12 -6.82 10.70 21.87
N LYS B 13 -5.91 9.82 22.30
CA LYS B 13 -5.53 9.70 23.68
C LYS B 13 -4.24 10.48 24.01
N PHE B 14 -3.51 10.94 23.00
CA PHE B 14 -2.37 11.83 23.21
C PHE B 14 -2.34 12.87 22.08
N ASP B 15 -1.75 14.02 22.36
CA ASP B 15 -1.44 14.97 21.29
C ASP B 15 -0.49 14.30 20.26
N TYR B 16 -0.62 14.71 19.00
CA TYR B 16 0.33 14.30 17.98
C TYR B 16 0.54 15.44 16.96
N VAL B 17 1.80 15.73 16.68
CA VAL B 17 2.16 16.69 15.67
C VAL B 17 2.77 15.92 14.51
N GLY B 18 2.08 15.96 13.37
CA GLY B 18 2.52 15.31 12.16
C GLY B 18 3.94 15.69 11.77
N ARG B 19 4.74 14.72 11.32
CA ARG B 19 6.12 15.01 10.95
C ARG B 19 6.26 15.30 9.46
N THR B 20 5.41 14.71 8.62
CA THR B 20 5.42 14.94 7.17
C THR B 20 4.08 15.59 6.77
N ALA B 21 3.97 15.97 5.50
CA ALA B 21 2.75 16.60 4.96
C ALA B 21 1.60 15.65 4.81
N ARG B 22 1.85 14.35 4.95
CA ARG B 22 0.79 13.33 4.81
C ARG B 22 0.10 13.02 6.13
N GLU B 23 0.68 13.48 7.23
CA GLU B 23 0.17 13.18 8.55
C GLU B 23 -0.71 14.27 9.17
N LEU B 24 -1.78 13.82 9.83
CA LEU B 24 -2.66 14.69 10.60
C LEU B 24 -1.99 15.11 11.89
N SER B 25 -2.33 16.32 12.36
CA SER B 25 -1.96 16.74 13.70
C SER B 25 -3.24 16.91 14.49
N PHE B 26 -3.19 16.52 15.74
CA PHE B 26 -4.35 16.57 16.63
C PHE B 26 -3.97 16.62 18.11
N LYS B 27 -4.94 17.03 18.92
CA LYS B 27 -4.76 17.12 20.33
C LYS B 27 -5.49 15.96 21.03
N LYS B 28 -4.98 15.58 22.19
CA LYS B 28 -5.65 14.61 23.01
C LYS B 28 -7.14 14.96 23.08
N GLY B 29 -8.01 13.96 22.86
CA GLY B 29 -9.46 14.18 22.92
C GLY B 29 -10.15 14.48 21.60
N ALA B 30 -9.34 14.67 20.55
CA ALA B 30 -9.82 14.86 19.19
C ALA B 30 -10.65 13.68 18.69
N SER B 31 -11.75 14.01 18.03
CA SER B 31 -12.58 13.06 17.34
C SER B 31 -11.91 12.77 16.00
N LEU B 32 -11.70 11.50 15.69
CA LEU B 32 -11.02 11.09 14.46
C LEU B 32 -11.93 10.11 13.70
N LEU B 33 -11.81 10.11 12.39
CA LEU B 33 -12.52 9.13 11.55
C LEU B 33 -11.46 8.27 10.85
N LEU B 34 -11.63 6.95 10.83
CA LEU B 34 -10.61 6.05 10.27
C LEU B 34 -11.22 5.31 9.06
N TYR B 35 -10.61 5.52 7.89
CA TYR B 35 -11.02 4.82 6.67
C TYR B 35 -10.44 3.40 6.63
N GLN B 36 -9.15 3.29 6.85
CA GLN B 36 -8.44 2.07 6.55
C GLN B 36 -7.13 1.99 7.28
N ARG B 37 -6.87 0.83 7.88
CA ARG B 37 -5.57 0.55 8.47
C ARG B 37 -4.55 0.47 7.34
N ALA B 38 -3.44 1.18 7.45
CA ALA B 38 -2.43 1.13 6.43
C ALA B 38 -1.32 0.12 6.79
N SER B 39 -0.96 0.11 8.06
CA SER B 39 0.02 -0.80 8.61
C SER B 39 -0.23 -0.88 10.08
N ASP B 40 0.56 -1.68 10.79
CA ASP B 40 0.43 -1.84 12.24
C ASP B 40 0.36 -0.47 12.95
N ASP B 41 1.19 0.47 12.50
CA ASP B 41 1.40 1.73 13.20
C ASP B 41 0.53 2.85 12.67
N TRP B 42 -0.19 2.65 11.57
CA TRP B 42 -0.78 3.73 10.79
C TRP B 42 -2.14 3.43 10.24
N TRP B 43 -2.99 4.46 10.26
CA TRP B 43 -4.30 4.50 9.64
C TRP B 43 -4.39 5.64 8.66
N GLU B 44 -5.21 5.42 7.65
CA GLU B 44 -5.68 6.48 6.78
C GLU B 44 -6.97 6.96 7.43
N GLY B 45 -7.06 8.23 7.75
CA GLY B 45 -8.27 8.79 8.31
C GLY B 45 -8.50 10.25 7.97
N ARG B 46 -9.21 10.90 8.89
CA ARG B 46 -9.67 12.26 8.67
C ARG B 46 -9.88 12.96 10.01
N HIS B 47 -9.50 14.22 10.05
CA HIS B 47 -9.65 15.03 11.26
C HIS B 47 -10.07 16.41 10.80
N ASN B 48 -11.23 16.87 11.26
CA ASN B 48 -11.66 18.21 10.99
C ASN B 48 -11.63 18.52 9.49
N GLY B 49 -12.20 17.60 8.72
CA GLY B 49 -12.34 17.81 7.29
C GLY B 49 -11.07 17.58 6.50
N ILE B 50 -9.99 17.16 7.13
CA ILE B 50 -8.74 16.96 6.44
C ILE B 50 -8.41 15.47 6.47
N ASP B 51 -8.21 14.88 5.29
CA ASP B 51 -7.71 13.52 5.17
C ASP B 51 -6.23 13.46 5.43
N GLY B 52 -5.79 12.46 6.15
CA GLY B 52 -4.38 12.20 6.30
C GLY B 52 -4.10 10.97 7.14
N LEU B 53 -2.84 10.75 7.44
CA LEU B 53 -2.41 9.57 8.22
C LEU B 53 -2.43 9.84 9.73
N ILE B 54 -2.77 8.79 10.48
CA ILE B 54 -2.98 8.81 11.89
C ILE B 54 -2.20 7.64 12.48
N PRO B 55 -1.32 7.93 13.47
CA PRO B 55 -0.59 6.91 14.16
C PRO B 55 -1.46 6.16 15.17
N HIS B 56 -1.51 4.84 15.01
CA HIS B 56 -2.28 3.93 15.86
C HIS B 56 -2.04 4.09 17.35
N GLN B 57 -0.79 4.25 17.75
CA GLN B 57 -0.43 4.34 19.16
C GLN B 57 -1.01 5.53 19.86
N TYR B 58 -1.56 6.50 19.13
CA TYR B 58 -1.99 7.81 19.71
C TYR B 58 -3.50 7.90 19.88
N ILE B 59 -4.22 6.84 19.53
CA ILE B 59 -5.67 6.86 19.47
C ILE B 59 -6.25 5.63 20.17
N VAL B 60 -7.52 5.75 20.53
CA VAL B 60 -8.30 4.60 20.92
C VAL B 60 -9.44 4.44 19.89
N VAL B 61 -9.64 3.23 19.43
CA VAL B 61 -10.56 2.95 18.34
C VAL B 61 -11.86 2.33 18.87
N GLN B 62 -12.97 2.76 18.33
CA GLN B 62 -14.25 2.25 18.71
C GLN B 62 -14.56 0.91 18.02
N ASP B 63 -14.67 -0.18 18.77
CA ASP B 63 -14.97 -1.53 18.18
C ASP B 63 -16.26 -2.11 18.65
N THR B 64 -17.36 -1.56 18.17
CA THR B 64 -18.64 -2.22 18.37
C THR B 64 -19.26 -2.47 16.98
N GLU B 65 -18.62 -3.41 16.30
CA GLU B 65 -18.79 -3.66 14.87
C GLU B 65 -18.14 -5.01 14.48
N VAL B 68 -15.22 -2.83 11.52
CA VAL B 68 -15.23 -4.07 10.73
C VAL B 68 -13.78 -4.37 10.36
N VAL B 69 -13.46 -5.66 10.22
CA VAL B 69 -12.09 -6.15 10.05
C VAL B 69 -11.49 -5.72 8.73
N GLU B 70 -12.33 -5.67 7.69
CA GLU B 70 -11.94 -5.13 6.37
C GLU B 70 -11.17 -3.81 6.50
N ARG B 71 -11.72 -2.87 7.24
CA ARG B 71 -11.07 -1.54 7.45
C ARG B 71 -9.98 -1.57 8.51
N SER B 72 -10.06 -2.47 9.50
CA SER B 72 -9.13 -2.44 10.61
C SER B 72 -7.85 -3.25 10.38
N SER B 73 -7.82 -4.06 9.31
CA SER B 73 -6.64 -4.76 8.83
C SER B 73 -6.11 -4.09 7.54
N PRO B 74 -4.77 -4.07 7.37
CA PRO B 74 -4.24 -3.49 6.10
C PRO B 74 -4.77 -4.23 4.91
N LYS B 75 -4.94 -3.55 3.79
CA LYS B 75 -5.33 -4.25 2.56
C LYS B 75 -4.21 -5.27 2.19
N SER B 76 -4.61 -6.48 1.83
CA SER B 76 -3.66 -7.51 1.44
C SER B 76 -3.17 -7.32 -0.02
N GLU B 77 -2.02 -7.92 -0.38
CA GLU B 77 -1.55 -7.86 -1.75
C GLU B 77 -2.59 -8.49 -2.65
N ILE B 78 -3.06 -9.68 -2.28
CA ILE B 78 -3.97 -10.40 -3.18
C ILE B 78 -5.22 -9.59 -3.46
N GLU B 79 -5.74 -8.87 -2.47
CA GLU B 79 -6.86 -7.91 -2.65
C GLU B 79 -6.53 -6.86 -3.68
N VAL B 80 -5.40 -6.21 -3.52
CA VAL B 80 -5.02 -5.14 -4.42
C VAL B 80 -4.80 -5.65 -5.85
N ILE B 81 -4.10 -6.77 -6.01
CA ILE B 81 -3.71 -7.18 -7.34
C ILE B 81 -4.81 -7.91 -8.12
N SER B 82 -5.93 -8.20 -7.47
CA SER B 82 -7.02 -8.95 -8.08
C SER B 82 -7.84 -8.04 -9.00
N GLU B 83 -7.61 -6.73 -8.91
CA GLU B 83 -8.31 -5.79 -9.77
C GLU B 83 -7.31 -4.84 -10.42
N PRO B 84 -7.66 -4.29 -11.60
CA PRO B 84 -6.85 -3.23 -12.20
C PRO B 84 -6.74 -2.02 -11.27
N PRO B 85 -5.72 -1.17 -11.50
CA PRO B 85 -5.63 0.10 -10.73
C PRO B 85 -6.68 1.10 -11.22
N GLU B 86 -7.03 2.05 -10.35
CA GLU B 86 -7.94 3.16 -10.66
C GLU B 86 -7.20 4.26 -11.43
S SO4 C . 2.86 -8.98 -20.75
O1 SO4 C . 1.58 -8.56 -20.11
O2 SO4 C . 3.09 -7.99 -21.87
O3 SO4 C . 4.01 -9.02 -19.81
O4 SO4 C . 2.67 -10.40 -21.20
S SO4 D . 14.20 -10.82 -5.00
O1 SO4 D . 14.92 -10.41 -6.23
O2 SO4 D . 15.05 -11.78 -4.25
O3 SO4 D . 13.96 -9.64 -4.12
O4 SO4 D . 12.94 -11.51 -5.35
S SO4 E . -4.57 -4.14 16.27
O1 SO4 E . -5.05 -4.98 17.39
O2 SO4 E . -3.68 -3.16 16.94
O3 SO4 E . -3.80 -4.96 15.28
O4 SO4 E . -5.76 -3.56 15.58
#